data_5VNP
#
_entry.id   5VNP
#
_cell.length_a   44.272
_cell.length_b   69.481
_cell.length_c   88.950
_cell.angle_alpha   90.000
_cell.angle_beta   95.820
_cell.angle_gamma   90.000
#
_symmetry.space_group_name_H-M   'P 1 21 1'
#
loop_
_entity.id
_entity.type
_entity.pdbx_description
1 polymer 'Haloalkane dehalogenase'
2 non-polymer N-{2-[2-(hexyloxy)ethoxy]ethyl}-N~2~-methyl-N~2~-{[7-(methylamino)-2,1,3-benzoxadiazol-4-yl]sulfonyl}glycinamide
3 non-polymer 'CHLORIDE ION'
4 water water
#
_entity_poly.entity_id   1
_entity_poly.type   'polypeptide(L)'
_entity_poly.pdbx_seq_one_letter_code
;IGTGFPFDPHYVEVLGERMHYVDVGPRDGTPVLFLHGNPTSSYVWRNIIPHVAPTHRCIAPDLIGMGKSDKPDLGYFFDD
HVRFMDAFIEALGLEEVVLVIHDWGSALGFHWAKRNPERVKGIAFMEFIRPIPTWDEWPEFARETFQAFRTTDVGRKLII
DQNVFIEGTLPMGVVRPLTEVEMDHYREPFLNPVDREPLWRFPNELPIAGEPANIVALVEEYMDWLHQSPVPKLLFWGTP
GVLIPPAEAARLAKSLPNCKAVDIGPGLNLLQEDNPDLIGSEIARWLSTL
;
_entity_poly.pdbx_strand_id   A,B
#
# COMPACT_ATOMS: atom_id res chain seq x y z
N ILE A 1 -10.24 -21.97 -6.00
CA ILE A 1 -10.23 -20.68 -6.76
C ILE A 1 -8.87 -20.00 -6.60
N GLY A 2 -8.18 -19.76 -7.71
CA GLY A 2 -6.84 -19.20 -7.69
C GLY A 2 -6.79 -17.76 -7.20
N THR A 3 -5.75 -17.46 -6.42
CA THR A 3 -5.53 -16.12 -5.90
C THR A 3 -4.41 -15.37 -6.63
N GLY A 4 -3.61 -16.09 -7.40
CA GLY A 4 -2.49 -15.50 -8.13
C GLY A 4 -2.92 -14.74 -9.37
N PHE A 5 -2.03 -13.87 -9.86
CA PHE A 5 -2.25 -13.12 -11.08
C PHE A 5 -1.05 -13.32 -12.01
N PRO A 6 -0.97 -14.48 -12.68
CA PRO A 6 0.20 -14.83 -13.46
C PRO A 6 0.15 -14.31 -14.90
N PHE A 7 0.10 -13.00 -15.04
CA PHE A 7 0.01 -12.37 -16.36
C PHE A 7 1.08 -11.27 -16.47
N ASP A 8 1.80 -11.27 -17.58
CA ASP A 8 2.81 -10.24 -17.85
C ASP A 8 2.12 -8.92 -18.12
N PRO A 9 2.77 -7.80 -17.75
CA PRO A 9 2.16 -6.50 -18.00
C PRO A 9 2.28 -6.07 -19.45
N HIS A 10 1.20 -5.52 -20.00
CA HIS A 10 1.23 -4.83 -21.28
C HIS A 10 0.70 -3.42 -21.08
N TYR A 11 1.27 -2.47 -21.82
CA TYR A 11 0.94 -1.06 -21.67
C TYR A 11 0.77 -0.43 -23.04
N VAL A 12 -0.15 0.52 -23.14
CA VAL A 12 -0.34 1.31 -24.35
C VAL A 12 -0.69 2.74 -23.98
N GLU A 13 -0.26 3.69 -24.82
CA GLU A 13 -0.49 5.10 -24.57
C GLU A 13 -1.87 5.48 -25.11
N VAL A 14 -2.67 6.13 -24.26
CA VAL A 14 -4.05 6.45 -24.58
C VAL A 14 -4.33 7.88 -24.10
N LEU A 15 -4.61 8.78 -25.03
CA LEU A 15 -4.90 10.18 -24.72
C LEU A 15 -3.89 10.78 -23.73
N GLY A 16 -2.61 10.47 -23.95
CA GLY A 16 -1.53 10.96 -23.09
C GLY A 16 -1.24 10.15 -21.84
N GLU A 17 -2.07 9.16 -21.53
CA GLU A 17 -1.94 8.36 -20.32
C GLU A 17 -1.65 6.90 -20.63
N ARG A 18 -0.85 6.25 -19.80
CA ARG A 18 -0.54 4.83 -19.95
C ARG A 18 -1.64 3.98 -19.29
N MET A 19 -2.23 3.07 -20.07
CA MET A 19 -3.19 2.11 -19.54
C MET A 19 -2.58 0.71 -19.54
N HIS A 20 -2.88 -0.05 -18.49
CA HIS A 20 -2.39 -1.42 -18.36
C HIS A 20 -3.46 -2.39 -18.88
N TYR A 21 -3.01 -3.50 -19.45
CA TYR A 21 -3.93 -4.56 -19.87
C TYR A 21 -3.27 -5.93 -19.88
N VAL A 22 -4.06 -6.95 -19.59
CA VAL A 22 -3.66 -8.34 -19.80
C VAL A 22 -3.83 -8.65 -21.29
N ASP A 23 -2.88 -9.41 -21.85
CA ASP A 23 -2.96 -9.82 -23.26
C ASP A 23 -2.34 -11.22 -23.43
N VAL A 24 -3.20 -12.22 -23.57
CA VAL A 24 -2.76 -13.61 -23.76
C VAL A 24 -3.56 -14.28 -24.89
N GLY A 25 -3.14 -15.48 -25.27
CA GLY A 25 -3.79 -16.23 -26.36
C GLY A 25 -3.26 -15.89 -27.76
N PRO A 26 -3.70 -16.66 -28.78
CA PRO A 26 -3.21 -16.55 -30.16
C PRO A 26 -3.76 -15.33 -30.92
N ARG A 27 -2.92 -14.76 -31.78
CA ARG A 27 -3.30 -13.58 -32.57
C ARG A 27 -4.09 -13.91 -33.86
N ASP A 28 -4.42 -15.19 -34.08
CA ASP A 28 -4.98 -15.64 -35.37
C ASP A 28 -6.51 -15.76 -35.41
N GLY A 29 -7.22 -14.87 -34.71
CA GLY A 29 -8.68 -14.95 -34.65
C GLY A 29 -9.35 -13.70 -34.11
N THR A 30 -10.57 -13.88 -33.61
CA THR A 30 -11.36 -12.79 -33.04
C THR A 30 -11.03 -12.63 -31.55
N PRO A 31 -10.53 -11.45 -31.15
CA PRO A 31 -10.18 -11.24 -29.75
C PRO A 31 -11.41 -11.10 -28.84
N VAL A 32 -11.22 -11.40 -27.56
CA VAL A 32 -12.27 -11.30 -26.55
C VAL A 32 -11.86 -10.22 -25.54
N LEU A 33 -12.67 -9.16 -25.45
CA LEU A 33 -12.37 -8.01 -24.61
C LEU A 33 -13.13 -8.08 -23.28
N PHE A 34 -12.39 -8.20 -22.18
CA PHE A 34 -12.95 -8.32 -20.85
C PHE A 34 -12.95 -6.97 -20.15
N LEU A 35 -14.12 -6.48 -19.74
CA LEU A 35 -14.24 -5.17 -19.08
C LEU A 35 -14.79 -5.27 -17.65
N HIS A 36 -13.95 -4.92 -16.68
CA HIS A 36 -14.33 -4.91 -15.27
C HIS A 36 -15.01 -3.59 -14.91
N GLY A 37 -15.45 -3.49 -13.65
CA GLY A 37 -16.10 -2.29 -13.13
C GLY A 37 -15.57 -1.84 -11.79
N ASN A 38 -16.47 -1.37 -10.93
CA ASN A 38 -16.12 -0.78 -9.65
C ASN A 38 -16.32 -1.76 -8.50
N PRO A 39 -15.33 -1.90 -7.59
CA PRO A 39 -14.01 -1.29 -7.50
C PRO A 39 -12.89 -2.28 -7.85
N THR A 40 -13.03 -2.95 -8.99
CA THR A 40 -12.17 -4.08 -9.34
C THR A 40 -11.10 -3.67 -10.38
N SER A 41 -10.42 -4.67 -10.93
CA SER A 41 -9.45 -4.48 -12.00
C SER A 41 -9.48 -5.73 -12.89
N SER A 42 -8.51 -5.84 -13.80
CA SER A 42 -8.33 -7.07 -14.59
C SER A 42 -8.16 -8.32 -13.72
N TYR A 43 -7.74 -8.13 -12.48
CA TYR A 43 -7.66 -9.20 -11.48
C TYR A 43 -8.94 -10.03 -11.37
N VAL A 44 -10.10 -9.38 -11.51
CA VAL A 44 -11.39 -10.06 -11.40
C VAL A 44 -11.62 -11.14 -12.48
N TRP A 45 -10.84 -11.08 -13.56
CA TRP A 45 -10.91 -12.06 -14.66
C TRP A 45 -9.83 -13.15 -14.60
N ARG A 46 -9.00 -13.15 -13.56
CA ARG A 46 -7.81 -14.02 -13.51
C ARG A 46 -8.10 -15.51 -13.70
N ASN A 47 -9.23 -15.98 -13.18
CA ASN A 47 -9.59 -17.41 -13.25
C ASN A 47 -10.56 -17.75 -14.37
N ILE A 48 -11.00 -16.74 -15.12
CA ILE A 48 -11.90 -16.92 -16.26
C ILE A 48 -11.11 -16.98 -17.57
N ILE A 49 -10.08 -16.13 -17.67
CA ILE A 49 -9.26 -16.04 -18.89
C ILE A 49 -8.58 -17.36 -19.31
N PRO A 50 -8.03 -18.13 -18.33
CA PRO A 50 -7.37 -19.39 -18.71
C PRO A 50 -8.27 -20.42 -19.42
N HIS A 51 -9.59 -20.28 -19.31
CA HIS A 51 -10.52 -21.14 -20.05
C HIS A 51 -10.69 -20.71 -21.51
N VAL A 52 -10.53 -19.41 -21.78
CA VAL A 52 -10.72 -18.84 -23.11
C VAL A 52 -9.41 -18.73 -23.91
N ALA A 53 -8.32 -18.41 -23.21
CA ALA A 53 -7.03 -18.10 -23.84
C ALA A 53 -6.50 -19.14 -24.85
N PRO A 54 -6.71 -20.45 -24.58
CA PRO A 54 -6.21 -21.45 -25.52
C PRO A 54 -6.81 -21.38 -26.94
N THR A 55 -8.03 -20.89 -27.08
CA THR A 55 -8.69 -20.77 -28.38
C THR A 55 -8.81 -19.34 -28.92
N HIS A 56 -8.85 -18.34 -28.02
CA HIS A 56 -9.03 -16.94 -28.42
C HIS A 56 -8.11 -16.00 -27.66
N ARG A 57 -7.73 -14.90 -28.31
CA ARG A 57 -6.96 -13.84 -27.66
C ARG A 57 -7.80 -13.21 -26.56
N CYS A 58 -7.18 -12.97 -25.41
CA CYS A 58 -7.86 -12.39 -24.24
C CYS A 58 -7.21 -11.06 -23.86
N ILE A 59 -7.99 -9.99 -23.94
CA ILE A 59 -7.53 -8.64 -23.62
C ILE A 59 -8.36 -8.12 -22.46
N ALA A 60 -7.71 -7.81 -21.33
CA ALA A 60 -8.40 -7.32 -20.15
C ALA A 60 -7.73 -6.06 -19.60
N PRO A 61 -8.20 -4.88 -20.03
CA PRO A 61 -7.59 -3.64 -19.58
C PRO A 61 -8.04 -3.20 -18.19
N ASP A 62 -7.18 -2.45 -17.52
CA ASP A 62 -7.57 -1.76 -16.31
C ASP A 62 -8.04 -0.37 -16.72
N LEU A 63 -9.24 -0.01 -16.29
CA LEU A 63 -9.83 1.29 -16.59
C LEU A 63 -8.92 2.38 -16.06
N ILE A 64 -8.99 3.55 -16.68
CA ILE A 64 -8.15 4.67 -16.27
C ILE A 64 -8.39 4.95 -14.79
N GLY A 65 -7.30 5.21 -14.05
CA GLY A 65 -7.37 5.44 -12.61
C GLY A 65 -7.61 4.19 -11.77
N MET A 66 -7.48 3.02 -12.38
CA MET A 66 -7.74 1.76 -11.70
C MET A 66 -6.69 0.72 -12.06
N GLY A 67 -6.58 -0.33 -11.26
CA GLY A 67 -5.60 -1.39 -11.49
C GLY A 67 -4.17 -0.86 -11.55
N LYS A 68 -3.47 -1.19 -12.63
CA LYS A 68 -2.10 -0.71 -12.86
C LYS A 68 -2.03 0.39 -13.92
N SER A 69 -3.17 0.93 -14.33
CA SER A 69 -3.20 2.03 -15.29
C SER A 69 -2.86 3.34 -14.59
N ASP A 70 -2.54 4.38 -15.38
CA ASP A 70 -2.18 5.68 -14.82
C ASP A 70 -3.35 6.35 -14.08
N LYS A 71 -3.02 7.34 -13.26
CA LYS A 71 -3.99 8.01 -12.40
C LYS A 71 -3.99 9.52 -12.63
N PRO A 72 -4.50 9.96 -13.80
CA PRO A 72 -4.56 11.40 -14.08
C PRO A 72 -5.56 12.13 -13.18
N ASP A 73 -5.37 13.44 -13.04
CA ASP A 73 -6.26 14.27 -12.23
C ASP A 73 -7.54 14.56 -13.03
N LEU A 74 -8.52 13.68 -12.87
CA LEU A 74 -9.83 13.82 -13.53
C LEU A 74 -10.94 13.64 -12.51
N GLY A 75 -12.15 14.01 -12.91
CA GLY A 75 -13.35 13.73 -12.12
C GLY A 75 -13.76 12.26 -12.17
N TYR A 76 -13.27 11.54 -13.18
CA TYR A 76 -13.58 10.12 -13.40
C TYR A 76 -15.08 9.88 -13.53
N PHE A 77 -15.74 10.73 -14.31
CA PHE A 77 -17.14 10.53 -14.68
C PHE A 77 -17.18 9.38 -15.69
N PHE A 78 -18.37 8.87 -15.99
CA PHE A 78 -18.51 7.81 -16.98
C PHE A 78 -17.97 8.25 -18.34
N ASP A 79 -18.21 9.52 -18.68
CA ASP A 79 -17.71 10.11 -19.93
C ASP A 79 -16.20 10.01 -20.06
N ASP A 80 -15.48 10.20 -18.96
CA ASP A 80 -14.02 10.03 -18.96
C ASP A 80 -13.65 8.59 -19.33
N HIS A 81 -14.29 7.62 -18.69
CA HIS A 81 -14.03 6.21 -18.99
C HIS A 81 -14.41 5.84 -20.44
N VAL A 82 -15.45 6.48 -20.96
CA VAL A 82 -15.86 6.28 -22.36
C VAL A 82 -14.76 6.75 -23.32
N ARG A 83 -14.28 7.98 -23.11
CA ARG A 83 -13.22 8.56 -23.95
C ARG A 83 -11.96 7.68 -23.93
N PHE A 84 -11.58 7.22 -22.75
CA PHE A 84 -10.37 6.42 -22.60
C PHE A 84 -10.51 5.01 -23.16
N MET A 85 -11.67 4.39 -22.97
CA MET A 85 -11.89 3.04 -23.47
C MET A 85 -12.05 3.03 -24.99
N ASP A 86 -12.72 4.03 -25.54
CA ASP A 86 -12.79 4.21 -26.99
C ASP A 86 -11.39 4.27 -27.60
N ALA A 87 -10.54 5.11 -27.01
CA ALA A 87 -9.18 5.29 -27.50
C ALA A 87 -8.31 4.06 -27.26
N PHE A 88 -8.57 3.32 -26.18
CA PHE A 88 -7.84 2.07 -25.90
C PHE A 88 -8.07 1.06 -27.02
N ILE A 89 -9.33 0.85 -27.38
CA ILE A 89 -9.71 -0.12 -28.42
C ILE A 89 -9.08 0.23 -29.77
N GLU A 90 -9.09 1.53 -30.11
CA GLU A 90 -8.46 2.00 -31.34
C GLU A 90 -6.94 1.87 -31.30
N ALA A 91 -6.34 2.11 -30.12
CA ALA A 91 -4.89 2.01 -29.95
C ALA A 91 -4.37 0.59 -30.13
N LEU A 92 -5.21 -0.41 -29.84
CA LEU A 92 -4.86 -1.82 -30.07
C LEU A 92 -5.23 -2.29 -31.50
N GLY A 93 -5.85 -1.41 -32.28
CA GLY A 93 -6.20 -1.71 -33.67
C GLY A 93 -7.18 -2.85 -33.83
N LEU A 94 -8.12 -2.98 -32.90
CA LEU A 94 -9.08 -4.09 -32.92
C LEU A 94 -10.18 -3.82 -33.94
N GLU A 95 -10.46 -4.81 -34.79
CA GLU A 95 -11.55 -4.70 -35.75
C GLU A 95 -12.84 -5.26 -35.15
N GLU A 96 -13.03 -6.58 -35.22
CA GLU A 96 -14.21 -7.23 -34.64
C GLU A 96 -13.85 -7.83 -33.28
N VAL A 97 -14.81 -7.86 -32.36
CA VAL A 97 -14.56 -8.34 -31.00
C VAL A 97 -15.76 -9.10 -30.42
N VAL A 98 -15.47 -9.91 -29.40
CA VAL A 98 -16.49 -10.43 -28.50
C VAL A 98 -16.29 -9.75 -27.16
N LEU A 99 -17.36 -9.23 -26.57
CA LEU A 99 -17.29 -8.54 -25.29
C LEU A 99 -17.67 -9.46 -24.14
N VAL A 100 -16.95 -9.35 -23.03
CA VAL A 100 -17.28 -10.03 -21.79
C VAL A 100 -17.23 -8.98 -20.70
N ILE A 101 -18.39 -8.61 -20.16
CA ILE A 101 -18.51 -7.37 -19.38
C ILE A 101 -19.30 -7.51 -18.08
N HIS A 102 -18.97 -6.65 -17.12
CA HIS A 102 -19.50 -6.71 -15.77
C HIS A 102 -19.57 -5.32 -15.14
N ASP A 103 -20.64 -5.06 -14.41
CA ASP A 103 -20.76 -3.82 -13.62
C ASP A 103 -20.62 -2.59 -14.53
N TRP A 104 -19.72 -1.65 -14.23
CA TRP A 104 -19.52 -0.47 -15.07
C TRP A 104 -18.83 -0.81 -16.38
N GLY A 105 -18.14 -1.95 -16.43
CA GLY A 105 -17.63 -2.48 -17.68
C GLY A 105 -18.74 -2.79 -18.66
N SER A 106 -19.90 -3.22 -18.15
CA SER A 106 -21.06 -3.50 -18.98
C SER A 106 -21.63 -2.24 -19.60
N ALA A 107 -21.62 -1.15 -18.82
CA ALA A 107 -22.04 0.15 -19.34
C ALA A 107 -21.12 0.60 -20.46
N LEU A 108 -19.82 0.37 -20.31
CA LEU A 108 -18.84 0.68 -21.36
C LEU A 108 -19.04 -0.22 -22.58
N GLY A 109 -19.22 -1.52 -22.34
CA GLY A 109 -19.38 -2.50 -23.42
C GLY A 109 -20.63 -2.27 -24.25
N PHE A 110 -21.77 -2.14 -23.59
CA PHE A 110 -23.04 -1.90 -24.27
C PHE A 110 -23.07 -0.57 -25.02
N HIS A 111 -22.54 0.48 -24.38
CA HIS A 111 -22.48 1.81 -25.02
C HIS A 111 -21.61 1.79 -26.27
N TRP A 112 -20.48 1.07 -26.19
CA TRP A 112 -19.59 0.92 -27.34
C TRP A 112 -20.23 0.06 -28.44
N ALA A 113 -20.91 -1.02 -28.03
CA ALA A 113 -21.58 -1.92 -28.97
C ALA A 113 -22.69 -1.21 -29.73
N LYS A 114 -23.48 -0.40 -29.04
CA LYS A 114 -24.53 0.40 -29.67
C LYS A 114 -23.95 1.29 -30.78
N ARG A 115 -22.81 1.92 -30.50
CA ARG A 115 -22.17 2.83 -31.45
C ARG A 115 -21.33 2.13 -32.52
N ASN A 116 -20.98 0.86 -32.29
CA ASN A 116 -20.21 0.07 -33.25
C ASN A 116 -20.77 -1.36 -33.43
N PRO A 117 -22.04 -1.46 -33.85
CA PRO A 117 -22.75 -2.76 -33.86
C PRO A 117 -22.16 -3.81 -34.79
N GLU A 118 -21.68 -3.37 -35.95
CA GLU A 118 -21.03 -4.27 -36.92
C GLU A 118 -19.71 -4.88 -36.43
N ARG A 119 -19.10 -4.24 -35.42
CA ARG A 119 -17.82 -4.72 -34.86
C ARG A 119 -17.97 -5.68 -33.66
N VAL A 120 -19.21 -5.90 -33.20
CA VAL A 120 -19.45 -6.78 -32.05
C VAL A 120 -20.10 -8.09 -32.50
N LYS A 121 -19.41 -9.20 -32.25
CA LYS A 121 -19.87 -10.53 -32.69
C LYS A 121 -20.54 -11.33 -31.57
N GLY A 122 -20.56 -10.76 -30.37
CA GLY A 122 -21.15 -11.43 -29.21
C GLY A 122 -20.92 -10.63 -27.95
N ILE A 123 -21.83 -10.76 -26.99
CA ILE A 123 -21.68 -10.13 -25.68
C ILE A 123 -22.06 -11.12 -24.58
N ALA A 124 -21.09 -11.47 -23.75
CA ALA A 124 -21.34 -12.19 -22.50
C ALA A 124 -21.36 -11.16 -21.39
N PHE A 125 -22.37 -11.21 -20.53
CA PHE A 125 -22.51 -10.21 -19.48
C PHE A 125 -23.13 -10.77 -18.20
N MET A 126 -22.98 -10.01 -17.12
CA MET A 126 -23.37 -10.44 -15.79
C MET A 126 -23.43 -9.23 -14.87
N GLU A 127 -24.42 -9.20 -13.98
CA GLU A 127 -24.56 -8.15 -12.98
C GLU A 127 -24.22 -6.79 -13.57
N PHE A 128 -25.04 -6.39 -14.54
CA PHE A 128 -24.76 -5.26 -15.41
C PHE A 128 -25.58 -4.04 -15.03
N ILE A 129 -25.19 -2.88 -15.56
CA ILE A 129 -25.88 -1.63 -15.29
C ILE A 129 -27.12 -1.52 -16.17
N ARG A 130 -28.27 -1.35 -15.53
CA ARG A 130 -29.54 -1.09 -16.22
C ARG A 130 -30.23 0.07 -15.51
N PRO A 131 -31.22 0.70 -16.15
CA PRO A 131 -31.90 1.81 -15.48
C PRO A 131 -32.67 1.32 -14.26
N ILE A 132 -32.49 2.01 -13.13
CA ILE A 132 -33.22 1.71 -11.90
C ILE A 132 -34.25 2.84 -11.73
N PRO A 133 -35.51 2.60 -12.14
CA PRO A 133 -36.50 3.69 -12.20
C PRO A 133 -36.71 4.43 -10.88
N THR A 134 -36.75 3.68 -9.78
CA THR A 134 -36.87 4.25 -8.44
C THR A 134 -36.00 3.47 -7.47
N TRP A 135 -35.87 3.98 -6.24
CA TRP A 135 -35.10 3.29 -5.20
C TRP A 135 -35.72 1.96 -4.77
N ASP A 136 -37.01 1.76 -5.04
CA ASP A 136 -37.68 0.49 -4.73
C ASP A 136 -37.10 -0.69 -5.53
N GLU A 137 -36.58 -0.41 -6.74
CA GLU A 137 -36.01 -1.44 -7.60
C GLU A 137 -34.51 -1.68 -7.35
N TRP A 138 -33.95 -0.99 -6.35
CA TRP A 138 -32.59 -1.26 -5.86
C TRP A 138 -32.68 -2.23 -4.68
N PRO A 139 -31.72 -3.16 -4.55
CA PRO A 139 -31.77 -4.11 -3.42
C PRO A 139 -32.03 -3.45 -2.07
N GLU A 140 -33.07 -3.92 -1.39
CA GLU A 140 -33.57 -3.33 -0.15
C GLU A 140 -32.48 -3.12 0.92
N PHE A 141 -31.60 -4.11 1.08
CA PHE A 141 -30.63 -4.09 2.17
C PHE A 141 -29.47 -3.12 1.94
N ALA A 142 -29.28 -2.70 0.69
CA ALA A 142 -28.19 -1.77 0.32
C ALA A 142 -28.69 -0.37 -0.05
N ARG A 143 -29.96 -0.08 0.23
CA ARG A 143 -30.54 1.21 -0.14
C ARG A 143 -29.90 2.37 0.62
N GLU A 144 -29.87 2.27 1.95
CA GLU A 144 -29.31 3.33 2.79
C GLU A 144 -27.85 3.60 2.43
N THR A 145 -27.06 2.54 2.34
CA THR A 145 -25.65 2.64 2.01
C THR A 145 -25.40 3.41 0.71
N PHE A 146 -26.05 3.00 -0.37
CA PHE A 146 -25.84 3.64 -1.67
C PHE A 146 -26.49 5.02 -1.78
N GLN A 147 -27.53 5.27 -0.98
CA GLN A 147 -28.05 6.62 -0.81
C GLN A 147 -27.04 7.50 -0.09
N ALA A 148 -26.36 6.92 0.91
CA ALA A 148 -25.29 7.62 1.63
C ALA A 148 -24.05 7.83 0.75
N PHE A 149 -23.71 6.82 -0.06
CA PHE A 149 -22.62 6.95 -1.04
C PHE A 149 -22.86 8.10 -2.01
N ARG A 150 -24.14 8.34 -2.36
CA ARG A 150 -24.50 9.39 -3.31
C ARG A 150 -24.69 10.75 -2.62
N THR A 151 -23.70 11.14 -1.82
CA THR A 151 -23.67 12.45 -1.19
C THR A 151 -22.24 12.99 -1.22
N THR A 152 -22.11 14.32 -1.16
CA THR A 152 -20.80 14.97 -1.18
C THR A 152 -20.12 15.00 0.20
N ASP A 153 -20.89 14.83 1.26
CA ASP A 153 -20.35 14.83 2.62
C ASP A 153 -20.13 13.41 3.15
N VAL A 154 -21.22 12.69 3.40
CA VAL A 154 -21.13 11.34 4.00
C VAL A 154 -20.47 10.37 3.01
N GLY A 155 -20.91 10.43 1.75
CA GLY A 155 -20.37 9.55 0.70
C GLY A 155 -18.86 9.59 0.54
N ARG A 156 -18.30 10.81 0.54
CA ARG A 156 -16.85 10.97 0.38
C ARG A 156 -16.05 10.56 1.62
N LYS A 157 -16.59 10.82 2.82
CA LYS A 157 -15.97 10.30 4.05
C LYS A 157 -15.90 8.77 4.01
N LEU A 158 -17.00 8.15 3.60
CA LEU A 158 -17.09 6.69 3.56
C LEU A 158 -16.14 6.10 2.51
N ILE A 159 -16.28 6.55 1.27
CA ILE A 159 -15.55 5.96 0.16
C ILE A 159 -14.09 6.44 0.06
N ILE A 160 -13.86 7.73 0.25
CA ILE A 160 -12.51 8.31 0.07
C ILE A 160 -11.67 8.13 1.33
N ASP A 161 -12.14 8.65 2.46
CA ASP A 161 -11.36 8.64 3.71
C ASP A 161 -11.28 7.25 4.34
N GLN A 162 -12.42 6.56 4.43
CA GLN A 162 -12.50 5.28 5.13
C GLN A 162 -12.40 4.06 4.21
N ASN A 163 -12.48 4.27 2.89
CA ASN A 163 -12.24 3.21 1.90
C ASN A 163 -13.25 2.06 1.97
N VAL A 164 -14.49 2.35 2.33
CA VAL A 164 -15.48 1.30 2.60
C VAL A 164 -15.89 0.50 1.36
N PHE A 165 -15.75 1.09 0.17
CA PHE A 165 -16.10 0.36 -1.07
C PHE A 165 -15.16 -0.83 -1.28
N ILE A 166 -13.90 -0.68 -0.87
CA ILE A 166 -12.92 -1.79 -0.90
C ILE A 166 -13.05 -2.68 0.33
N GLU A 167 -13.06 -2.06 1.51
CA GLU A 167 -13.02 -2.79 2.78
C GLU A 167 -14.34 -3.44 3.17
N GLY A 168 -15.45 -2.98 2.58
CA GLY A 168 -16.78 -3.48 2.91
C GLY A 168 -17.60 -3.93 1.73
N THR A 169 -17.90 -3.00 0.83
CA THR A 169 -18.78 -3.28 -0.31
C THR A 169 -18.27 -4.40 -1.20
N LEU A 170 -16.96 -4.40 -1.47
CA LEU A 170 -16.34 -5.44 -2.32
C LEU A 170 -16.54 -6.87 -1.76
N PRO A 171 -16.07 -7.13 -0.52
CA PRO A 171 -16.25 -8.48 0.03
C PRO A 171 -17.70 -8.88 0.26
N MET A 172 -18.57 -7.89 0.49
CA MET A 172 -20.00 -8.16 0.67
C MET A 172 -20.73 -8.43 -0.64
N GLY A 173 -20.04 -8.20 -1.77
CA GLY A 173 -20.54 -8.59 -3.08
C GLY A 173 -20.11 -9.99 -3.52
N VAL A 174 -19.53 -10.77 -2.61
CA VAL A 174 -19.16 -12.15 -2.90
C VAL A 174 -19.78 -13.08 -1.84
N VAL A 175 -20.44 -14.14 -2.28
CA VAL A 175 -21.11 -15.08 -1.39
C VAL A 175 -20.10 -15.81 -0.51
N ARG A 176 -19.15 -16.50 -1.15
CA ARG A 176 -18.05 -17.16 -0.43
C ARG A 176 -17.09 -16.11 0.14
N PRO A 177 -16.28 -16.50 1.14
CA PRO A 177 -15.37 -15.53 1.74
C PRO A 177 -14.13 -15.23 0.88
N LEU A 178 -13.98 -13.97 0.45
CA LEU A 178 -12.74 -13.50 -0.17
C LEU A 178 -11.61 -13.58 0.83
N THR A 179 -10.47 -14.16 0.41
CA THR A 179 -9.31 -14.30 1.30
C THR A 179 -8.59 -12.97 1.46
N GLU A 180 -7.62 -12.93 2.38
CA GLU A 180 -6.81 -11.73 2.59
C GLU A 180 -5.89 -11.45 1.41
N VAL A 181 -5.40 -12.51 0.77
CA VAL A 181 -4.56 -12.37 -0.42
C VAL A 181 -5.33 -11.67 -1.54
N GLU A 182 -6.56 -12.11 -1.77
CA GLU A 182 -7.41 -11.53 -2.80
C GLU A 182 -7.76 -10.08 -2.47
N MET A 183 -8.07 -9.82 -1.20
CA MET A 183 -8.34 -8.45 -0.74
C MET A 183 -7.14 -7.53 -0.99
N ASP A 184 -5.93 -8.04 -0.73
CA ASP A 184 -4.71 -7.26 -0.94
C ASP A 184 -4.49 -6.89 -2.41
N HIS A 185 -4.79 -7.82 -3.33
CA HIS A 185 -4.71 -7.50 -4.76
C HIS A 185 -5.68 -6.36 -5.13
N TYR A 186 -6.90 -6.43 -4.62
CA TYR A 186 -7.90 -5.38 -4.84
C TYR A 186 -7.54 -4.05 -4.14
N ARG A 187 -6.82 -4.12 -3.02
CA ARG A 187 -6.41 -2.92 -2.29
C ARG A 187 -5.28 -2.12 -2.97
N GLU A 188 -4.36 -2.84 -3.63
CA GLU A 188 -3.13 -2.25 -4.18
C GLU A 188 -3.27 -0.89 -4.85
N PRO A 189 -4.25 -0.73 -5.77
CA PRO A 189 -4.35 0.53 -6.51
C PRO A 189 -4.81 1.75 -5.71
N PHE A 190 -5.40 1.53 -4.52
CA PHE A 190 -6.04 2.61 -3.77
C PHE A 190 -5.51 2.78 -2.34
N LEU A 191 -4.22 2.51 -2.14
CA LEU A 191 -3.60 2.66 -0.82
C LEU A 191 -3.55 4.12 -0.38
N ASN A 192 -3.40 5.02 -1.36
CA ASN A 192 -3.46 6.45 -1.11
C ASN A 192 -4.91 6.94 -1.29
N PRO A 193 -5.48 7.60 -0.25
CA PRO A 193 -6.87 8.06 -0.36
C PRO A 193 -7.13 9.08 -1.48
N VAL A 194 -6.07 9.78 -1.91
CA VAL A 194 -6.19 10.75 -3.01
C VAL A 194 -6.55 10.06 -4.34
N ASP A 195 -6.23 8.77 -4.46
CA ASP A 195 -6.50 7.99 -5.67
C ASP A 195 -7.88 7.31 -5.70
N ARG A 196 -8.72 7.58 -4.71
CA ARG A 196 -10.01 6.89 -4.58
C ARG A 196 -11.20 7.65 -5.21
N GLU A 197 -10.91 8.71 -5.97
CA GLU A 197 -11.98 9.47 -6.63
C GLU A 197 -12.87 8.59 -7.53
N PRO A 198 -12.29 7.68 -8.32
CA PRO A 198 -13.11 6.79 -9.16
C PRO A 198 -14.11 5.95 -8.36
N LEU A 199 -13.71 5.52 -7.17
CA LEU A 199 -14.54 4.67 -6.33
C LEU A 199 -15.80 5.39 -5.82
N TRP A 200 -15.74 6.71 -5.71
CA TRP A 200 -16.88 7.51 -5.23
C TRP A 200 -17.76 8.04 -6.37
N ARG A 201 -17.14 8.44 -7.48
CA ARG A 201 -17.89 8.98 -8.61
C ARG A 201 -18.75 7.90 -9.28
N PHE A 202 -18.26 6.66 -9.31
CA PHE A 202 -19.01 5.55 -9.94
C PHE A 202 -20.42 5.36 -9.37
N PRO A 203 -20.54 5.15 -8.05
CA PRO A 203 -21.89 5.02 -7.48
C PRO A 203 -22.76 6.27 -7.63
N ASN A 204 -22.12 7.44 -7.73
CA ASN A 204 -22.82 8.69 -8.03
C ASN A 204 -23.24 8.83 -9.48
N GLU A 205 -22.69 7.99 -10.36
CA GLU A 205 -23.08 7.94 -11.77
C GLU A 205 -24.19 6.92 -12.07
N LEU A 206 -24.47 6.01 -11.12
CA LEU A 206 -25.49 4.98 -11.32
C LEU A 206 -26.85 5.59 -11.69
N PRO A 207 -27.52 5.03 -12.72
CA PRO A 207 -28.81 5.57 -13.16
C PRO A 207 -29.96 5.14 -12.24
N ILE A 208 -30.12 5.86 -11.13
CA ILE A 208 -31.15 5.55 -10.14
C ILE A 208 -32.08 6.75 -9.94
N ALA A 209 -33.38 6.52 -10.05
CA ALA A 209 -34.40 7.56 -9.85
C ALA A 209 -34.21 8.79 -10.75
N GLY A 210 -33.79 8.53 -12.00
CA GLY A 210 -33.65 9.60 -13.00
C GLY A 210 -32.41 10.47 -12.89
N GLU A 211 -31.47 10.12 -12.01
CA GLU A 211 -30.26 10.92 -11.81
C GLU A 211 -29.00 10.03 -11.78
N PRO A 212 -27.91 10.47 -12.45
CA PRO A 212 -27.81 11.66 -13.30
C PRO A 212 -28.58 11.49 -14.61
N ALA A 213 -29.18 12.57 -15.11
CA ALA A 213 -30.02 12.52 -16.30
C ALA A 213 -29.30 11.92 -17.50
N ASN A 214 -28.06 12.36 -17.74
CA ASN A 214 -27.30 11.92 -18.92
C ASN A 214 -27.01 10.41 -18.92
N ILE A 215 -26.71 9.85 -17.76
CA ILE A 215 -26.39 8.42 -17.66
C ILE A 215 -27.66 7.58 -17.83
N VAL A 216 -28.77 8.04 -17.26
CA VAL A 216 -30.04 7.34 -17.40
C VAL A 216 -30.44 7.23 -18.87
N ALA A 217 -30.33 8.33 -19.60
CA ALA A 217 -30.66 8.36 -21.03
C ALA A 217 -29.72 7.48 -21.83
N LEU A 218 -28.42 7.61 -21.55
CA LEU A 218 -27.38 6.78 -22.18
C LEU A 218 -27.64 5.29 -21.98
N VAL A 219 -27.99 4.89 -20.75
CA VAL A 219 -28.23 3.48 -20.42
C VAL A 219 -29.55 2.99 -21.03
N GLU A 220 -30.59 3.81 -20.91
CA GLU A 220 -31.86 3.50 -21.58
C GLU A 220 -31.66 3.24 -23.07
N GLU A 221 -30.81 4.05 -23.72
CA GLU A 221 -30.55 3.91 -25.14
C GLU A 221 -29.88 2.57 -25.49
N TYR A 222 -28.88 2.15 -24.72
CA TYR A 222 -28.19 0.90 -25.05
C TYR A 222 -28.98 -0.37 -24.69
N MET A 223 -29.91 -0.24 -23.74
CA MET A 223 -30.84 -1.32 -23.44
C MET A 223 -31.87 -1.49 -24.56
N ASP A 224 -32.38 -0.37 -25.08
CA ASP A 224 -33.23 -0.41 -26.28
C ASP A 224 -32.49 -1.07 -27.44
N TRP A 225 -31.24 -0.68 -27.66
CA TRP A 225 -30.41 -1.29 -28.69
C TRP A 225 -30.24 -2.80 -28.47
N LEU A 226 -30.02 -3.20 -27.21
CA LEU A 226 -29.83 -4.61 -26.88
C LEU A 226 -31.10 -5.43 -27.14
N HIS A 227 -32.26 -4.85 -26.84
CA HIS A 227 -33.54 -5.50 -27.13
C HIS A 227 -33.82 -5.61 -28.64
N GLN A 228 -33.23 -4.71 -29.43
CA GLN A 228 -33.43 -4.67 -30.88
C GLN A 228 -32.33 -5.37 -31.68
N SER A 229 -31.26 -5.81 -31.00
CA SER A 229 -30.10 -6.41 -31.68
C SER A 229 -30.20 -7.94 -31.77
N PRO A 230 -29.77 -8.52 -32.92
CA PRO A 230 -29.70 -9.97 -33.08
C PRO A 230 -28.34 -10.57 -32.67
N VAL A 231 -27.44 -9.76 -32.12
CA VAL A 231 -26.13 -10.24 -31.69
C VAL A 231 -26.28 -11.37 -30.66
N PRO A 232 -25.43 -12.40 -30.73
CA PRO A 232 -25.46 -13.45 -29.72
C PRO A 232 -25.21 -12.92 -28.31
N LYS A 233 -25.96 -13.41 -27.34
CA LYS A 233 -25.89 -12.95 -25.96
C LYS A 233 -25.76 -14.11 -24.99
N LEU A 234 -24.98 -13.91 -23.93
CA LEU A 234 -24.80 -14.91 -22.89
C LEU A 234 -24.89 -14.23 -21.52
N LEU A 235 -25.99 -14.46 -20.82
CA LEU A 235 -26.26 -13.82 -19.53
C LEU A 235 -25.97 -14.78 -18.38
N PHE A 236 -24.97 -14.44 -17.55
CA PHE A 236 -24.70 -15.18 -16.33
C PHE A 236 -25.40 -14.51 -15.16
N TRP A 237 -26.07 -15.31 -14.32
CA TRP A 237 -26.77 -14.79 -13.15
C TRP A 237 -26.57 -15.70 -11.94
N GLY A 238 -26.84 -15.16 -10.76
CA GLY A 238 -26.77 -15.91 -9.51
C GLY A 238 -27.90 -15.55 -8.57
N THR A 239 -28.01 -16.33 -7.50
CA THR A 239 -29.04 -16.11 -6.47
C THR A 239 -28.36 -15.71 -5.16
N PRO A 240 -28.81 -14.61 -4.52
CA PRO A 240 -29.93 -13.74 -4.86
C PRO A 240 -29.58 -12.60 -5.84
N GLY A 241 -28.30 -12.42 -6.13
CA GLY A 241 -27.87 -11.32 -7.00
C GLY A 241 -27.92 -9.98 -6.30
N VAL A 242 -27.61 -8.92 -7.04
CA VAL A 242 -27.62 -7.55 -6.52
C VAL A 242 -28.29 -6.60 -7.53
N LEU A 243 -27.65 -6.42 -8.68
CA LEU A 243 -28.21 -5.60 -9.75
C LEU A 243 -29.23 -6.37 -10.60
N ILE A 244 -29.01 -7.68 -10.75
CA ILE A 244 -29.85 -8.53 -11.58
C ILE A 244 -30.41 -9.69 -10.75
N PRO A 245 -31.64 -9.51 -10.20
CA PRO A 245 -32.28 -10.62 -9.47
C PRO A 245 -32.68 -11.78 -10.40
N PRO A 246 -32.75 -13.01 -9.85
CA PRO A 246 -33.16 -14.21 -10.58
C PRO A 246 -34.41 -14.04 -11.45
N ALA A 247 -35.40 -13.30 -10.95
CA ALA A 247 -36.64 -13.04 -11.69
C ALA A 247 -36.35 -12.20 -12.93
N GLU A 248 -35.60 -11.12 -12.75
CA GLU A 248 -35.23 -10.23 -13.86
C GLU A 248 -34.33 -10.94 -14.88
N ALA A 249 -33.46 -11.82 -14.40
CA ALA A 249 -32.57 -12.59 -15.27
C ALA A 249 -33.36 -13.48 -16.24
N ALA A 250 -34.42 -14.11 -15.73
CA ALA A 250 -35.27 -14.98 -16.54
C ALA A 250 -36.09 -14.17 -17.56
N ARG A 251 -36.59 -13.01 -17.13
CA ARG A 251 -37.31 -12.11 -18.03
C ARG A 251 -36.43 -11.66 -19.19
N LEU A 252 -35.17 -11.31 -18.87
CA LEU A 252 -34.20 -10.85 -19.87
C LEU A 252 -33.83 -11.95 -20.85
N ALA A 253 -33.71 -13.18 -20.35
CA ALA A 253 -33.40 -14.33 -21.21
C ALA A 253 -34.47 -14.53 -22.29
N LYS A 254 -35.73 -14.23 -21.97
CA LYS A 254 -36.83 -14.32 -22.93
C LYS A 254 -36.87 -13.11 -23.86
N SER A 255 -36.90 -11.91 -23.28
CA SER A 255 -37.11 -10.68 -24.04
C SER A 255 -35.95 -10.31 -24.98
N LEU A 256 -34.73 -10.56 -24.56
CA LEU A 256 -33.56 -10.25 -25.39
C LEU A 256 -33.42 -11.27 -26.51
N PRO A 257 -33.25 -10.81 -27.77
CA PRO A 257 -33.06 -11.75 -28.86
C PRO A 257 -31.74 -12.53 -28.75
N ASN A 258 -31.80 -13.82 -29.06
CA ASN A 258 -30.63 -14.67 -29.17
C ASN A 258 -29.80 -14.70 -27.88
N CYS A 259 -30.50 -14.86 -26.75
CA CYS A 259 -29.88 -14.81 -25.43
C CYS A 259 -29.99 -16.17 -24.72
N LYS A 260 -28.85 -16.64 -24.21
CA LYS A 260 -28.79 -17.86 -23.40
C LYS A 260 -28.43 -17.48 -21.97
N ALA A 261 -29.22 -17.93 -21.00
CA ALA A 261 -28.99 -17.63 -19.59
C ALA A 261 -28.30 -18.81 -18.89
N VAL A 262 -27.28 -18.52 -18.09
CA VAL A 262 -26.56 -19.55 -17.34
C VAL A 262 -26.57 -19.21 -15.84
N ASP A 263 -27.12 -20.14 -15.05
CA ASP A 263 -27.18 -20.03 -13.60
C ASP A 263 -25.84 -20.43 -13.01
N ILE A 264 -25.21 -19.53 -12.27
CA ILE A 264 -23.90 -19.82 -11.66
C ILE A 264 -23.99 -20.34 -10.22
N GLY A 265 -25.21 -20.42 -9.69
CA GLY A 265 -25.43 -20.84 -8.30
C GLY A 265 -25.53 -19.64 -7.40
N PRO A 266 -25.11 -19.78 -6.12
CA PRO A 266 -25.07 -18.65 -5.20
C PRO A 266 -24.16 -17.53 -5.69
N GLY A 267 -24.64 -16.29 -5.62
CA GLY A 267 -23.86 -15.14 -6.06
C GLY A 267 -24.52 -13.81 -5.71
N LEU A 268 -23.72 -12.75 -5.66
CA LEU A 268 -24.22 -11.41 -5.38
C LEU A 268 -23.86 -10.46 -6.55
N ASN A 269 -22.76 -9.71 -6.46
CA ASN A 269 -22.35 -8.85 -7.58
C ASN A 269 -21.13 -9.38 -8.34
N LEU A 270 -20.07 -9.74 -7.62
CA LEU A 270 -18.85 -10.28 -8.25
C LEU A 270 -19.00 -11.78 -8.51
N LEU A 271 -19.79 -12.11 -9.52
CA LEU A 271 -20.07 -13.52 -9.84
C LEU A 271 -18.79 -14.26 -10.25
N GLN A 272 -17.82 -13.53 -10.78
CA GLN A 272 -16.53 -14.10 -11.15
C GLN A 272 -15.80 -14.76 -9.97
N GLU A 273 -16.01 -14.22 -8.77
CA GLU A 273 -15.37 -14.75 -7.56
C GLU A 273 -16.07 -15.96 -6.94
N ASP A 274 -17.33 -16.19 -7.31
CA ASP A 274 -18.11 -17.31 -6.77
C ASP A 274 -18.07 -18.56 -7.64
N ASN A 275 -18.09 -18.38 -8.96
CA ASN A 275 -18.03 -19.52 -9.88
C ASN A 275 -17.29 -19.18 -11.17
N PRO A 276 -15.96 -18.98 -11.07
CA PRO A 276 -15.15 -18.63 -12.24
C PRO A 276 -15.01 -19.76 -13.27
N ASP A 277 -14.97 -21.01 -12.81
CA ASP A 277 -14.76 -22.15 -13.71
C ASP A 277 -15.96 -22.42 -14.64
N LEU A 278 -17.17 -22.25 -14.12
CA LEU A 278 -18.37 -22.41 -14.93
C LEU A 278 -18.50 -21.24 -15.91
N ILE A 279 -18.27 -20.02 -15.42
CA ILE A 279 -18.29 -18.83 -16.26
C ILE A 279 -17.27 -18.95 -17.40
N GLY A 280 -16.04 -19.35 -17.06
CA GLY A 280 -14.99 -19.53 -18.05
C GLY A 280 -15.26 -20.62 -19.07
N SER A 281 -15.70 -21.79 -18.60
CA SER A 281 -15.97 -22.93 -19.48
C SER A 281 -17.14 -22.65 -20.43
N GLU A 282 -18.18 -21.99 -19.91
CA GLU A 282 -19.36 -21.66 -20.72
C GLU A 282 -19.08 -20.56 -21.75
N ILE A 283 -18.16 -19.65 -21.46
CA ILE A 283 -17.72 -18.68 -22.45
C ILE A 283 -16.94 -19.37 -23.56
N ALA A 284 -16.04 -20.29 -23.18
CA ALA A 284 -15.28 -21.06 -24.15
C ALA A 284 -16.19 -21.88 -25.06
N ARG A 285 -17.16 -22.56 -24.45
CA ARG A 285 -18.14 -23.37 -25.21
C ARG A 285 -18.98 -22.50 -26.13
N TRP A 286 -19.53 -21.42 -25.58
CA TRP A 286 -20.32 -20.44 -26.34
C TRP A 286 -19.55 -19.86 -27.52
N LEU A 287 -18.27 -19.52 -27.32
CA LEU A 287 -17.44 -18.95 -28.37
C LEU A 287 -17.31 -19.88 -29.59
N SER A 288 -17.20 -21.19 -29.34
CA SER A 288 -17.10 -22.16 -30.43
C SER A 288 -18.37 -22.25 -31.29
N THR A 289 -19.53 -21.95 -30.70
CA THR A 289 -20.80 -21.95 -31.44
C THR A 289 -20.95 -20.73 -32.35
N LEU A 290 -20.25 -19.65 -32.04
CA LEU A 290 -20.31 -18.43 -32.84
C LEU A 290 -19.50 -18.58 -34.13
N ILE B 1 25.13 -12.68 24.48
CA ILE B 1 25.07 -11.39 23.71
C ILE B 1 26.46 -10.73 23.68
N GLY B 2 26.96 -10.50 22.48
CA GLY B 2 28.35 -10.05 22.30
C GLY B 2 28.58 -8.61 22.71
N THR B 3 29.67 -8.39 23.45
CA THR B 3 30.06 -7.06 23.91
C THR B 3 31.11 -6.42 23.00
N GLY B 4 31.69 -7.21 22.10
CA GLY B 4 32.75 -6.74 21.20
C GLY B 4 32.20 -6.05 19.96
N PHE B 5 33.05 -5.24 19.34
CA PHE B 5 32.73 -4.52 18.12
C PHE B 5 33.79 -4.84 17.06
N PRO B 6 33.73 -6.05 16.47
CA PRO B 6 34.77 -6.54 15.57
C PRO B 6 34.59 -6.04 14.14
N PHE B 7 34.69 -4.72 13.95
CA PHE B 7 34.52 -4.11 12.64
C PHE B 7 35.62 -3.08 12.40
N ASP B 8 36.30 -3.20 11.26
CA ASP B 8 37.28 -2.20 10.85
C ASP B 8 36.59 -0.88 10.53
N PRO B 9 37.14 0.25 11.01
CA PRO B 9 36.50 1.55 10.81
C PRO B 9 36.63 2.08 9.40
N HIS B 10 35.58 2.75 8.92
CA HIS B 10 35.63 3.46 7.65
C HIS B 10 35.07 4.87 7.83
N TYR B 11 35.64 5.81 7.08
CA TYR B 11 35.24 7.21 7.14
C TYR B 11 35.01 7.74 5.73
N VAL B 12 34.08 8.68 5.59
CA VAL B 12 33.84 9.36 4.32
C VAL B 12 33.58 10.84 4.56
N GLU B 13 34.07 11.67 3.63
CA GLU B 13 33.90 13.12 3.69
C GLU B 13 32.45 13.49 3.40
N VAL B 14 31.81 14.15 4.36
CA VAL B 14 30.42 14.57 4.22
C VAL B 14 30.25 16.02 4.67
N LEU B 15 29.97 16.91 3.71
CA LEU B 15 29.77 18.34 3.98
C LEU B 15 30.91 18.97 4.79
N GLY B 16 32.14 18.60 4.46
CA GLY B 16 33.32 19.13 5.15
C GLY B 16 33.75 18.34 6.39
N GLU B 17 32.87 17.48 6.90
CA GLU B 17 33.17 16.67 8.08
C GLU B 17 33.32 15.20 7.67
N ARG B 18 33.90 14.40 8.56
CA ARG B 18 34.03 12.96 8.34
C ARG B 18 32.99 12.22 9.16
N MET B 19 32.32 11.24 8.54
CA MET B 19 31.36 10.39 9.23
C MET B 19 31.87 8.95 9.25
N HIS B 20 31.86 8.34 10.43
CA HIS B 20 32.28 6.94 10.59
C HIS B 20 31.14 6.00 10.18
N TYR B 21 31.51 4.85 9.61
CA TYR B 21 30.54 3.81 9.30
C TYR B 21 31.19 2.43 9.23
N VAL B 22 30.39 1.42 9.56
CA VAL B 22 30.74 0.02 9.37
C VAL B 22 30.33 -0.37 7.96
N ASP B 23 31.14 -1.19 7.31
CA ASP B 23 30.84 -1.68 5.96
C ASP B 23 31.35 -3.11 5.84
N VAL B 24 30.42 -4.07 5.80
CA VAL B 24 30.76 -5.48 5.74
C VAL B 24 29.80 -6.24 4.83
N GLY B 25 30.16 -7.49 4.53
CA GLY B 25 29.35 -8.34 3.66
C GLY B 25 29.74 -8.21 2.21
N PRO B 26 29.05 -8.94 1.32
CA PRO B 26 29.39 -8.94 -0.11
C PRO B 26 29.22 -7.56 -0.75
N ARG B 27 30.01 -7.29 -1.78
CA ARG B 27 30.03 -5.98 -2.43
C ARG B 27 28.83 -5.76 -3.35
N ASP B 28 28.40 -6.82 -4.04
CA ASP B 28 27.28 -6.72 -4.98
C ASP B 28 25.93 -6.88 -4.27
N GLY B 29 24.85 -6.67 -5.03
CA GLY B 29 23.49 -6.78 -4.49
C GLY B 29 23.00 -5.51 -3.84
N THR B 30 21.76 -5.54 -3.37
CA THR B 30 21.16 -4.40 -2.67
C THR B 30 21.72 -4.29 -1.26
N PRO B 31 22.32 -3.13 -0.91
CA PRO B 31 22.88 -2.94 0.42
C PRO B 31 21.82 -2.68 1.49
N VAL B 32 22.11 -3.08 2.72
CA VAL B 32 21.21 -2.87 3.86
C VAL B 32 21.79 -1.77 4.72
N LEU B 33 21.00 -0.73 4.96
CA LEU B 33 21.45 0.48 5.66
C LEU B 33 20.86 0.55 7.06
N PHE B 34 21.72 0.46 8.07
CA PHE B 34 21.30 0.45 9.47
C PHE B 34 21.46 1.84 10.08
N LEU B 35 20.38 2.41 10.63
CA LEU B 35 20.41 3.74 11.22
C LEU B 35 20.04 3.74 12.71
N HIS B 36 21.00 4.05 13.56
CA HIS B 36 20.78 4.13 15.00
C HIS B 36 20.16 5.48 15.37
N GLY B 37 19.83 5.64 16.66
CA GLY B 37 19.30 6.88 17.20
C GLY B 37 19.98 7.29 18.49
N ASN B 38 19.23 7.93 19.38
CA ASN B 38 19.76 8.53 20.61
C ASN B 38 19.61 7.59 21.82
N PRO B 39 20.68 7.41 22.62
CA PRO B 39 22.03 7.95 22.59
C PRO B 39 23.06 6.91 22.12
N THR B 40 22.75 6.21 21.03
CA THR B 40 23.54 5.05 20.60
C THR B 40 24.49 5.39 19.46
N SER B 41 25.08 4.35 18.88
CA SER B 41 25.92 4.46 17.71
C SER B 41 25.74 3.19 16.89
N SER B 42 26.57 2.99 15.87
CA SER B 42 26.60 1.73 15.12
C SER B 42 26.85 0.50 16.01
N TYR B 43 27.41 0.72 17.20
CA TYR B 43 27.57 -0.33 18.21
C TYR B 43 26.25 -1.07 18.53
N VAL B 44 25.13 -0.36 18.46
CA VAL B 44 23.82 -0.95 18.73
C VAL B 44 23.43 -2.07 17.73
N TRP B 45 24.05 -2.06 16.56
CA TRP B 45 23.78 -3.08 15.53
C TRP B 45 24.82 -4.22 15.50
N ARG B 46 25.73 -4.25 16.46
CA ARG B 46 26.89 -5.17 16.43
C ARG B 46 26.52 -6.66 16.39
N ASN B 47 25.43 -7.02 17.05
CA ASN B 47 24.98 -8.42 17.12
C ASN B 47 23.87 -8.75 16.11
N ILE B 48 23.43 -7.75 15.35
CA ILE B 48 22.45 -7.92 14.28
C ILE B 48 23.13 -8.17 12.94
N ILE B 49 24.17 -7.37 12.67
CA ILE B 49 24.87 -7.38 11.38
C ILE B 49 25.44 -8.76 10.97
N PRO B 50 25.99 -9.52 11.94
CA PRO B 50 26.48 -10.88 11.60
C PRO B 50 25.43 -11.84 11.03
N HIS B 51 24.15 -11.58 11.29
CA HIS B 51 23.06 -12.39 10.71
C HIS B 51 22.76 -12.00 9.26
N VAL B 52 23.00 -10.74 8.91
CA VAL B 52 22.69 -10.22 7.57
C VAL B 52 23.91 -10.25 6.64
N ALA B 53 25.10 -10.01 7.20
CA ALA B 53 26.35 -9.88 6.42
C ALA B 53 26.73 -11.06 5.51
N PRO B 54 26.30 -12.29 5.84
CA PRO B 54 26.61 -13.41 4.94
C PRO B 54 25.95 -13.32 3.55
N THR B 55 24.77 -12.71 3.47
CA THR B 55 24.02 -12.64 2.22
C THR B 55 23.91 -11.24 1.61
N HIS B 56 24.10 -10.19 2.42
CA HIS B 56 23.92 -8.81 1.96
C HIS B 56 24.96 -7.86 2.52
N ARG B 57 25.23 -6.79 1.78
CA ARG B 57 26.12 -5.73 2.24
C ARG B 57 25.46 -4.99 3.39
N CYS B 58 26.22 -4.73 4.46
CA CYS B 58 25.72 -4.02 5.64
C CYS B 58 26.47 -2.73 5.87
N ILE B 59 25.75 -1.61 5.85
CA ILE B 59 26.32 -0.28 6.09
C ILE B 59 25.64 0.33 7.30
N ALA B 60 26.44 0.75 8.28
CA ALA B 60 25.93 1.30 9.52
C ALA B 60 26.73 2.54 9.94
N PRO B 61 26.23 3.75 9.58
CA PRO B 61 26.94 4.97 9.93
C PRO B 61 26.67 5.43 11.35
N ASP B 62 27.57 6.27 11.87
CA ASP B 62 27.34 7.01 13.09
C ASP B 62 26.86 8.42 12.70
N LEU B 63 25.74 8.83 13.26
CA LEU B 63 25.18 10.16 13.03
C LEU B 63 26.17 11.23 13.39
N ILE B 64 26.08 12.38 12.72
CA ILE B 64 26.98 13.49 12.97
C ILE B 64 26.94 13.87 14.46
N GLY B 65 28.12 14.05 15.05
CA GLY B 65 28.24 14.37 16.48
C GLY B 65 28.05 13.18 17.41
N MET B 66 28.06 11.98 16.86
CA MET B 66 27.83 10.76 17.64
C MET B 66 28.80 9.68 17.23
N GLY B 67 28.91 8.63 18.04
CA GLY B 67 29.84 7.53 17.77
C GLY B 67 31.25 8.04 17.51
N LYS B 68 31.84 7.61 16.40
CA LYS B 68 33.18 8.03 16.00
C LYS B 68 33.17 9.12 14.92
N SER B 69 31.98 9.60 14.55
CA SER B 69 31.88 10.66 13.55
C SER B 69 32.35 11.99 14.13
N ASP B 70 32.63 12.97 13.26
CA ASP B 70 33.12 14.27 13.71
C ASP B 70 32.07 15.02 14.53
N LYS B 71 32.50 16.09 15.19
CA LYS B 71 31.67 16.83 16.11
C LYS B 71 31.70 18.33 15.81
N PRO B 72 31.11 18.75 14.68
CA PRO B 72 31.08 20.17 14.32
C PRO B 72 30.24 21.01 15.27
N ASP B 73 30.47 22.32 15.27
CA ASP B 73 29.76 23.25 16.13
C ASP B 73 28.37 23.53 15.53
N LEU B 74 27.43 22.66 15.85
CA LEU B 74 26.05 22.76 15.36
C LEU B 74 25.08 22.69 16.53
N GLY B 75 23.83 23.04 16.27
CA GLY B 75 22.75 22.85 17.23
C GLY B 75 22.31 21.40 17.32
N TYR B 76 22.59 20.63 16.27
CA TYR B 76 22.20 19.22 16.18
C TYR B 76 20.68 19.04 16.25
N PHE B 77 19.98 19.90 15.50
CA PHE B 77 18.54 19.75 15.29
C PHE B 77 18.35 18.57 14.35
N PHE B 78 17.11 18.12 14.19
CA PHE B 78 16.81 17.04 13.24
C PHE B 78 17.21 17.43 11.82
N ASP B 79 17.05 18.72 11.50
CA ASP B 79 17.41 19.25 10.18
C ASP B 79 18.89 19.04 9.86
N ASP B 80 19.76 19.20 10.85
CA ASP B 80 21.19 18.99 10.66
C ASP B 80 21.46 17.52 10.31
N HIS B 81 20.90 16.62 11.10
CA HIS B 81 21.06 15.17 10.86
C HIS B 81 20.56 14.75 9.49
N VAL B 82 19.45 15.36 9.04
CA VAL B 82 18.90 15.10 7.71
C VAL B 82 19.90 15.50 6.62
N ARG B 83 20.46 16.71 6.74
CA ARG B 83 21.45 17.21 5.77
C ARG B 83 22.67 16.29 5.68
N PHE B 84 23.18 15.85 6.83
CA PHE B 84 24.36 14.99 6.86
C PHE B 84 24.09 13.56 6.38
N MET B 85 22.94 13.00 6.77
CA MET B 85 22.58 11.64 6.35
C MET B 85 22.27 11.58 4.86
N ASP B 86 21.59 12.62 4.35
CA ASP B 86 21.39 12.75 2.90
C ASP B 86 22.72 12.69 2.17
N ALA B 87 23.69 13.47 2.63
CA ALA B 87 24.99 13.58 1.99
C ALA B 87 25.84 12.33 2.18
N PHE B 88 25.69 11.65 3.33
CA PHE B 88 26.37 10.38 3.56
C PHE B 88 25.95 9.32 2.53
N ILE B 89 24.64 9.22 2.32
CA ILE B 89 24.09 8.24 1.38
C ILE B 89 24.61 8.45 -0.04
N GLU B 90 24.70 9.71 -0.47
CA GLU B 90 25.21 10.04 -1.80
C GLU B 90 26.73 9.90 -1.90
N ALA B 91 27.45 10.19 -0.80
CA ALA B 91 28.90 10.04 -0.79
C ALA B 91 29.34 8.60 -1.10
N LEU B 92 28.54 7.62 -0.67
CA LEU B 92 28.84 6.19 -0.94
C LEU B 92 28.25 5.69 -2.26
N GLY B 93 27.59 6.56 -3.01
CA GLY B 93 27.03 6.21 -4.31
C GLY B 93 25.92 5.18 -4.24
N LEU B 94 25.16 5.19 -3.15
CA LEU B 94 24.07 4.24 -2.97
C LEU B 94 22.89 4.61 -3.87
N GLU B 95 22.34 3.61 -4.55
CA GLU B 95 21.16 3.82 -5.40
C GLU B 95 19.93 3.24 -4.71
N GLU B 96 19.77 1.93 -4.75
CA GLU B 96 18.67 1.24 -4.07
C GLU B 96 19.17 0.69 -2.74
N VAL B 97 18.30 0.71 -1.72
CA VAL B 97 18.66 0.25 -0.38
C VAL B 97 17.52 -0.47 0.33
N VAL B 98 17.89 -1.26 1.34
CA VAL B 98 16.96 -1.74 2.34
C VAL B 98 17.29 -1.01 3.64
N LEU B 99 16.27 -0.46 4.29
CA LEU B 99 16.47 0.28 5.54
C LEU B 99 16.19 -0.60 6.76
N VAL B 100 17.08 -0.52 7.76
CA VAL B 100 16.86 -1.10 9.07
C VAL B 100 17.08 0.04 10.05
N ILE B 101 16.02 0.46 10.73
CA ILE B 101 16.05 1.76 11.42
C ILE B 101 15.42 1.70 12.81
N HIS B 102 15.92 2.55 13.70
CA HIS B 102 15.51 2.56 15.11
C HIS B 102 15.57 3.97 15.69
N ASP B 103 14.56 4.34 16.48
CA ASP B 103 14.57 5.60 17.23
C ASP B 103 14.67 6.80 16.25
N TRP B 104 15.57 7.75 16.50
CA TRP B 104 15.75 8.88 15.59
C TRP B 104 16.32 8.47 14.22
N GLY B 105 16.96 7.30 14.16
CA GLY B 105 17.33 6.70 12.89
C GLY B 105 16.12 6.39 12.02
N SER B 106 15.01 6.04 12.67
CA SER B 106 13.75 5.77 11.96
C SER B 106 13.15 7.04 11.38
N ALA B 107 13.26 8.16 12.10
CA ALA B 107 12.82 9.45 11.58
C ALA B 107 13.61 9.80 10.32
N LEU B 108 14.93 9.61 10.39
CA LEU B 108 15.80 9.82 9.23
C LEU B 108 15.45 8.87 8.09
N GLY B 109 15.25 7.59 8.41
CA GLY B 109 14.94 6.58 7.41
C GLY B 109 13.64 6.80 6.69
N PHE B 110 12.56 7.05 7.44
CA PHE B 110 11.24 7.27 6.86
C PHE B 110 11.15 8.58 6.06
N HIS B 111 11.80 9.62 6.56
CA HIS B 111 11.81 10.93 5.89
C HIS B 111 12.58 10.86 4.56
N TRP B 112 13.65 10.08 4.54
CA TRP B 112 14.41 9.82 3.30
C TRP B 112 13.59 8.96 2.33
N ALA B 113 12.90 7.95 2.87
CA ALA B 113 12.09 7.04 2.06
C ALA B 113 10.93 7.76 1.38
N LYS B 114 10.29 8.68 2.11
CA LYS B 114 9.23 9.52 1.55
C LYS B 114 9.71 10.32 0.35
N ARG B 115 10.93 10.87 0.46
CA ARG B 115 11.50 11.72 -0.59
C ARG B 115 12.18 10.95 -1.71
N ASN B 116 12.51 9.68 -1.48
CA ASN B 116 13.11 8.82 -2.51
C ASN B 116 12.43 7.44 -2.56
N PRO B 117 11.11 7.42 -2.82
CA PRO B 117 10.32 6.18 -2.71
C PRO B 117 10.73 5.07 -3.66
N GLU B 118 11.24 5.42 -4.84
CA GLU B 118 11.71 4.43 -5.82
C GLU B 118 13.05 3.78 -5.47
N ARG B 119 13.75 4.29 -4.45
CA ARG B 119 15.05 3.76 -4.05
C ARG B 119 14.99 2.87 -2.79
N VAL B 120 13.82 2.71 -2.19
CA VAL B 120 13.67 1.88 -0.98
C VAL B 120 13.01 0.55 -1.34
N LYS B 121 13.76 -0.54 -1.18
CA LYS B 121 13.27 -1.89 -1.50
C LYS B 121 12.62 -2.58 -0.30
N GLY B 122 12.91 -2.10 0.90
CA GLY B 122 12.28 -2.63 2.11
C GLY B 122 12.66 -1.83 3.33
N ILE B 123 11.79 -1.84 4.34
CA ILE B 123 12.06 -1.17 5.61
C ILE B 123 11.78 -2.10 6.78
N ALA B 124 12.82 -2.41 7.54
CA ALA B 124 12.69 -3.07 8.83
C ALA B 124 12.84 -1.97 9.88
N PHE B 125 11.93 -1.94 10.84
CA PHE B 125 11.94 -0.87 11.84
C PHE B 125 11.43 -1.33 13.20
N MET B 126 11.79 -0.56 14.22
CA MET B 126 11.50 -0.91 15.60
C MET B 126 11.60 0.34 16.45
N GLU B 127 10.73 0.45 17.47
CA GLU B 127 10.75 1.56 18.40
C GLU B 127 11.06 2.87 17.67
N PHE B 128 10.15 3.22 16.77
CA PHE B 128 10.37 4.30 15.81
C PHE B 128 9.67 5.58 16.27
N ILE B 129 10.01 6.70 15.63
CA ILE B 129 9.42 7.99 15.99
C ILE B 129 8.05 8.14 15.34
N ARG B 130 7.02 8.28 16.17
CA ARG B 130 5.67 8.58 15.72
C ARG B 130 5.15 9.78 16.53
N PRO B 131 4.05 10.40 16.09
CA PRO B 131 3.49 11.50 16.88
C PRO B 131 2.86 10.98 18.16
N ILE B 132 3.19 11.61 19.29
CA ILE B 132 2.61 11.27 20.59
C ILE B 132 1.61 12.38 20.94
N PRO B 133 0.29 12.09 20.83
CA PRO B 133 -0.79 13.09 21.00
C PRO B 133 -0.72 13.88 22.30
N THR B 134 -0.52 13.19 23.42
CA THR B 134 -0.43 13.83 24.73
C THR B 134 0.61 13.12 25.58
N TRP B 135 0.94 13.73 26.73
CA TRP B 135 1.87 13.11 27.68
C TRP B 135 1.33 11.83 28.33
N ASP B 136 0.01 11.66 28.30
CA ASP B 136 -0.62 10.42 28.80
C ASP B 136 -0.27 9.18 27.97
N GLU B 137 0.09 9.38 26.70
CA GLU B 137 0.52 8.27 25.83
C GLU B 137 2.02 7.97 25.94
N TRP B 138 2.73 8.75 26.74
CA TRP B 138 4.12 8.46 27.07
C TRP B 138 4.14 7.55 28.32
N PRO B 139 5.06 6.57 28.37
CA PRO B 139 5.09 5.67 29.54
C PRO B 139 5.26 6.44 30.86
N GLU B 140 4.50 6.03 31.87
CA GLU B 140 4.48 6.75 33.16
C GLU B 140 5.85 6.79 33.84
N PHE B 141 6.58 5.68 33.78
CA PHE B 141 7.93 5.61 34.37
C PHE B 141 8.93 6.59 33.75
N ALA B 142 8.69 7.00 32.50
CA ALA B 142 9.58 7.90 31.77
C ALA B 142 9.02 9.32 31.60
N ARG B 143 7.89 9.62 32.25
CA ARG B 143 7.15 10.86 31.98
C ARG B 143 7.78 12.10 32.60
N GLU B 144 8.01 12.05 33.91
CA GLU B 144 8.62 13.18 34.62
C GLU B 144 10.03 13.51 34.11
N THR B 145 10.82 12.47 33.86
CA THR B 145 12.19 12.65 33.39
C THR B 145 12.27 13.30 31.99
N PHE B 146 11.42 12.87 31.06
CA PHE B 146 11.45 13.44 29.71
C PHE B 146 10.88 14.85 29.63
N GLN B 147 9.91 15.15 30.51
CA GLN B 147 9.41 16.51 30.68
C GLN B 147 10.52 17.42 31.22
N ALA B 148 11.31 16.90 32.15
CA ALA B 148 12.47 17.61 32.69
C ALA B 148 13.56 17.81 31.64
N PHE B 149 13.77 16.80 30.79
CA PHE B 149 14.72 16.91 29.67
C PHE B 149 14.35 18.03 28.70
N ARG B 150 13.05 18.25 28.52
CA ARG B 150 12.56 19.25 27.56
C ARG B 150 12.47 20.65 28.18
N THR B 151 13.55 21.06 28.86
CA THR B 151 13.70 22.41 29.41
C THR B 151 15.16 22.84 29.25
N THR B 152 15.38 24.16 29.23
CA THR B 152 16.73 24.71 29.04
C THR B 152 17.56 24.73 30.34
N ASP B 153 16.88 24.83 31.47
CA ASP B 153 17.56 24.88 32.78
C ASP B 153 17.91 23.48 33.30
N VAL B 154 16.88 22.70 33.65
CA VAL B 154 17.06 21.40 34.28
C VAL B 154 17.52 20.35 33.28
N GLY B 155 16.91 20.36 32.09
CA GLY B 155 17.24 19.42 31.03
C GLY B 155 18.71 19.41 30.66
N ARG B 156 19.29 20.59 30.49
CA ARG B 156 20.71 20.71 30.17
C ARG B 156 21.60 20.33 31.36
N LYS B 157 21.15 20.68 32.56
CA LYS B 157 21.83 20.25 33.79
C LYS B 157 21.89 18.71 33.88
N LEU B 158 20.78 18.05 33.57
CA LEU B 158 20.71 16.59 33.62
C LEU B 158 21.52 15.92 32.51
N ILE B 159 21.30 16.35 31.27
CA ILE B 159 21.88 15.67 30.10
C ILE B 159 23.32 16.10 29.80
N ILE B 160 23.58 17.42 29.82
CA ILE B 160 24.91 17.93 29.47
C ILE B 160 25.91 17.77 30.62
N ASP B 161 25.53 18.21 31.82
CA ASP B 161 26.47 18.23 32.96
C ASP B 161 26.62 16.87 33.63
N GLN B 162 25.50 16.23 33.94
CA GLN B 162 25.50 14.96 34.68
C GLN B 162 25.50 13.70 33.79
N ASN B 163 25.30 13.88 32.48
CA ASN B 163 25.32 12.78 31.52
C ASN B 163 24.23 11.72 31.81
N VAL B 164 23.06 12.18 32.21
CA VAL B 164 21.97 11.29 32.64
C VAL B 164 21.43 10.42 31.51
N PHE B 165 21.42 10.93 30.28
CA PHE B 165 20.89 10.17 29.15
C PHE B 165 21.71 8.92 28.87
N ILE B 166 23.03 9.01 29.04
CA ILE B 166 23.92 7.86 28.86
C ILE B 166 23.94 6.96 30.10
N GLU B 167 24.16 7.57 31.27
CA GLU B 167 24.32 6.80 32.51
C GLU B 167 23.01 6.23 33.05
N GLY B 168 21.92 6.97 32.83
CA GLY B 168 20.62 6.59 33.37
C GLY B 168 19.64 6.10 32.32
N THR B 169 19.29 6.98 31.39
CA THR B 169 18.24 6.70 30.41
C THR B 169 18.55 5.49 29.51
N LEU B 170 19.81 5.37 29.10
CA LEU B 170 20.24 4.27 28.21
C LEU B 170 20.05 2.86 28.80
N PRO B 171 20.64 2.58 29.99
CA PRO B 171 20.40 1.26 30.59
C PRO B 171 18.93 1.01 30.93
N MET B 172 18.19 2.07 31.24
CA MET B 172 16.76 1.96 31.53
C MET B 172 15.91 1.74 30.28
N GLY B 173 16.54 1.82 29.10
CA GLY B 173 15.90 1.43 27.84
C GLY B 173 16.17 0.00 27.40
N VAL B 174 16.94 -0.74 28.21
CA VAL B 174 17.18 -2.16 27.96
C VAL B 174 16.59 -2.97 29.11
N VAL B 175 15.86 -4.03 28.79
CA VAL B 175 15.24 -4.88 29.81
C VAL B 175 16.31 -5.61 30.64
N ARG B 176 17.22 -6.31 29.96
CA ARG B 176 18.32 -6.98 30.65
C ARG B 176 19.39 -5.96 31.06
N PRO B 177 20.23 -6.30 32.05
CA PRO B 177 21.26 -5.36 32.50
C PRO B 177 22.44 -5.27 31.52
N LEU B 178 22.79 -4.04 31.13
CA LEU B 178 23.99 -3.81 30.31
C LEU B 178 25.23 -4.00 31.17
N THR B 179 26.28 -4.58 30.59
CA THR B 179 27.56 -4.77 31.27
C THR B 179 28.39 -3.49 31.17
N GLU B 180 29.39 -3.36 32.05
CA GLU B 180 30.24 -2.17 32.05
C GLU B 180 31.05 -2.01 30.76
N VAL B 181 31.43 -3.12 30.13
CA VAL B 181 32.10 -3.09 28.84
C VAL B 181 31.20 -2.42 27.80
N GLU B 182 29.93 -2.82 27.77
CA GLU B 182 28.95 -2.25 26.85
C GLU B 182 28.69 -0.76 27.15
N MET B 183 28.59 -0.41 28.42
CA MET B 183 28.42 0.99 28.82
C MET B 183 29.63 1.85 28.43
N ASP B 184 30.83 1.30 28.56
CA ASP B 184 32.05 2.00 28.14
C ASP B 184 32.07 2.29 26.64
N HIS B 185 31.52 1.39 25.84
CA HIS B 185 31.39 1.63 24.40
C HIS B 185 30.41 2.77 24.11
N TYR B 186 29.28 2.78 24.81
CA TYR B 186 28.30 3.86 24.66
C TYR B 186 28.78 5.20 25.26
N ARG B 187 29.65 5.13 26.27
CA ARG B 187 30.18 6.35 26.91
C ARG B 187 31.23 7.09 26.08
N GLU B 188 32.03 6.33 25.32
CA GLU B 188 33.24 6.86 24.66
C GLU B 188 33.07 8.19 23.90
N PRO B 189 32.00 8.32 23.09
CA PRO B 189 31.85 9.56 22.32
C PRO B 189 31.54 10.81 23.16
N PHE B 190 31.10 10.64 24.40
CA PHE B 190 30.57 11.74 25.21
C PHE B 190 31.28 11.92 26.56
N LEU B 191 32.59 11.68 26.59
CA LEU B 191 33.39 11.89 27.80
C LEU B 191 33.42 13.36 28.20
N ASN B 192 33.48 14.25 27.20
CA ASN B 192 33.51 15.68 27.42
C ASN B 192 32.10 16.29 27.34
N PRO B 193 31.66 17.03 28.38
CA PRO B 193 30.35 17.69 28.39
C PRO B 193 30.02 18.57 27.18
N VAL B 194 31.03 19.15 26.54
CA VAL B 194 30.80 20.02 25.38
C VAL B 194 30.36 19.26 24.12
N ASP B 195 30.53 17.93 24.12
CA ASP B 195 30.14 17.09 22.98
C ASP B 195 28.76 16.44 23.16
N ARG B 196 28.03 16.80 24.22
CA ARG B 196 26.76 16.14 24.55
C ARG B 196 25.52 16.88 24.02
N GLU B 197 25.72 17.89 23.17
CA GLU B 197 24.61 18.67 22.63
C GLU B 197 23.55 17.82 21.93
N PRO B 198 23.95 16.85 21.09
CA PRO B 198 22.94 16.02 20.42
C PRO B 198 22.05 15.20 21.37
N LEU B 199 22.60 14.81 22.52
CA LEU B 199 21.85 14.03 23.51
C LEU B 199 20.71 14.84 24.13
N TRP B 200 20.87 16.16 24.20
CA TRP B 200 19.85 17.05 24.77
C TRP B 200 18.86 17.54 23.72
N ARG B 201 19.33 17.85 22.52
CA ARG B 201 18.47 18.40 21.47
C ARG B 201 17.49 17.35 20.92
N PHE B 202 17.92 16.09 20.84
CA PHE B 202 17.04 15.01 20.36
C PHE B 202 15.72 14.90 21.14
N PRO B 203 15.78 14.72 22.48
CA PRO B 203 14.53 14.67 23.24
C PRO B 203 13.70 15.95 23.18
N ASN B 204 14.34 17.10 22.91
CA ASN B 204 13.62 18.35 22.65
C ASN B 204 13.03 18.46 21.24
N GLU B 205 13.40 17.52 20.36
CA GLU B 205 12.82 17.43 19.02
C GLU B 205 11.65 16.44 18.95
N LEU B 206 11.52 15.57 19.95
CA LEU B 206 10.48 14.54 19.94
C LEU B 206 9.10 15.16 19.77
N PRO B 207 8.28 14.60 18.86
CA PRO B 207 6.93 15.13 18.64
C PRO B 207 5.95 14.68 19.73
N ILE B 208 5.97 15.39 20.85
CA ILE B 208 5.10 15.10 22.00
C ILE B 208 4.14 16.27 22.24
N ALA B 209 2.84 15.96 22.26
CA ALA B 209 1.80 16.95 22.55
C ALA B 209 1.80 18.13 21.58
N GLY B 210 2.08 17.86 20.31
CA GLY B 210 2.05 18.88 19.26
C GLY B 210 3.25 19.82 19.20
N GLU B 211 4.31 19.52 19.95
CA GLU B 211 5.52 20.34 19.97
C GLU B 211 6.77 19.46 19.85
N PRO B 212 7.78 19.89 19.08
CA PRO B 212 7.81 21.09 18.23
C PRO B 212 7.00 20.90 16.96
N ALA B 213 6.18 21.90 16.62
CA ALA B 213 5.22 21.80 15.51
C ALA B 213 5.84 21.33 14.20
N ASN B 214 7.03 21.84 13.88
CA ASN B 214 7.72 21.48 12.65
C ASN B 214 8.06 19.99 12.54
N ILE B 215 8.49 19.39 13.66
CA ILE B 215 8.81 17.96 13.69
C ILE B 215 7.51 17.15 13.61
N VAL B 216 6.52 17.55 14.40
CA VAL B 216 5.21 16.89 14.39
C VAL B 216 4.67 16.79 12.97
N ALA B 217 4.77 17.88 12.22
CA ALA B 217 4.31 17.92 10.83
C ALA B 217 5.13 16.98 9.93
N LEU B 218 6.45 17.07 10.03
CA LEU B 218 7.35 16.21 9.24
C LEU B 218 7.10 14.73 9.52
N VAL B 219 6.93 14.38 10.79
CA VAL B 219 6.67 12.99 11.18
C VAL B 219 5.29 12.52 10.69
N GLU B 220 4.28 13.36 10.84
CA GLU B 220 2.94 13.08 10.29
C GLU B 220 2.99 12.79 8.78
N GLU B 221 3.80 13.55 8.06
CA GLU B 221 3.93 13.39 6.61
C GLU B 221 4.48 12.01 6.21
N TYR B 222 5.54 11.53 6.87
CA TYR B 222 6.09 10.24 6.49
C TYR B 222 5.26 9.05 6.99
N MET B 223 4.49 9.25 8.06
CA MET B 223 3.54 8.22 8.51
C MET B 223 2.41 8.07 7.49
N ASP B 224 1.90 9.19 6.98
CA ASP B 224 0.92 9.17 5.89
C ASP B 224 1.50 8.47 4.66
N TRP B 225 2.74 8.79 4.31
CA TRP B 225 3.42 8.11 3.21
C TRP B 225 3.55 6.61 3.47
N LEU B 226 3.88 6.25 4.70
CA LEU B 226 4.05 4.85 5.07
C LEU B 226 2.74 4.09 4.93
N HIS B 227 1.63 4.70 5.32
CA HIS B 227 0.32 4.06 5.22
C HIS B 227 -0.17 3.86 3.78
N GLN B 228 0.34 4.67 2.83
CA GLN B 228 -0.04 4.54 1.42
C GLN B 228 1.01 3.85 0.54
N SER B 229 2.09 3.37 1.16
CA SER B 229 3.19 2.75 0.42
C SER B 229 3.05 1.22 0.39
N PRO B 230 3.33 0.60 -0.78
CA PRO B 230 3.29 -0.87 -0.91
C PRO B 230 4.61 -1.56 -0.56
N VAL B 231 5.62 -0.78 -0.17
CA VAL B 231 6.95 -1.33 0.12
C VAL B 231 6.86 -2.35 1.27
N PRO B 232 7.63 -3.45 1.19
CA PRO B 232 7.63 -4.44 2.27
C PRO B 232 8.10 -3.86 3.61
N LYS B 233 7.39 -4.19 4.68
CA LYS B 233 7.65 -3.65 6.01
C LYS B 233 7.81 -4.76 7.05
N LEU B 234 8.77 -4.58 7.95
CA LEU B 234 9.03 -5.53 9.03
C LEU B 234 9.14 -4.77 10.35
N LEU B 235 8.17 -4.99 11.23
CA LEU B 235 8.08 -4.27 12.50
C LEU B 235 8.43 -5.19 13.67
N PHE B 236 9.47 -4.82 14.41
CA PHE B 236 9.83 -5.51 15.65
C PHE B 236 9.31 -4.71 16.82
N TRP B 237 8.70 -5.39 17.79
CA TRP B 237 8.15 -4.74 18.98
C TRP B 237 8.37 -5.61 20.21
N GLY B 238 8.24 -5.00 21.39
CA GLY B 238 8.42 -5.70 22.66
C GLY B 238 7.43 -5.22 23.71
N THR B 239 7.36 -5.96 24.81
CA THR B 239 6.49 -5.63 25.93
C THR B 239 7.35 -5.12 27.09
N PRO B 240 7.03 -3.94 27.64
CA PRO B 240 5.94 -3.01 27.32
C PRO B 240 6.28 -1.98 26.25
N GLY B 241 7.54 -1.94 25.81
CA GLY B 241 7.99 -0.93 24.85
C GLY B 241 8.13 0.43 25.49
N VAL B 242 8.47 1.43 24.68
CA VAL B 242 8.58 2.83 25.15
C VAL B 242 7.87 3.75 24.15
N LEU B 243 8.42 3.87 22.94
CA LEU B 243 7.79 4.65 21.87
C LEU B 243 6.61 3.93 21.24
N ILE B 244 6.69 2.60 21.19
CA ILE B 244 5.67 1.78 20.55
C ILE B 244 5.13 0.73 21.53
N PRO B 245 3.98 1.01 22.17
CA PRO B 245 3.38 -0.03 23.01
C PRO B 245 2.78 -1.15 22.16
N PRO B 246 2.60 -2.35 22.74
CA PRO B 246 2.08 -3.52 22.00
C PRO B 246 0.79 -3.26 21.21
N ALA B 247 -0.14 -2.52 21.80
CA ALA B 247 -1.43 -2.23 21.17
C ALA B 247 -1.25 -1.40 19.90
N GLU B 248 -0.34 -0.43 19.95
CA GLU B 248 -0.04 0.40 18.79
C GLU B 248 0.63 -0.42 17.69
N ALA B 249 1.49 -1.36 18.08
CA ALA B 249 2.15 -2.26 17.13
C ALA B 249 1.15 -3.19 16.45
N ALA B 250 0.13 -3.62 17.19
CA ALA B 250 -0.93 -4.47 16.65
C ALA B 250 -1.77 -3.73 15.61
N ARG B 251 -2.12 -2.48 15.90
CA ARG B 251 -2.81 -1.62 14.94
C ARG B 251 -1.99 -1.45 13.67
N LEU B 252 -0.70 -1.13 13.84
CA LEU B 252 0.21 -0.89 12.72
C LEU B 252 0.37 -2.11 11.83
N ALA B 253 0.44 -3.30 12.42
CA ALA B 253 0.54 -4.55 11.67
C ALA B 253 -0.52 -4.64 10.59
N LYS B 254 -1.76 -4.34 10.96
CA LYS B 254 -2.89 -4.41 10.02
C LYS B 254 -3.04 -3.16 9.15
N SER B 255 -2.89 -1.98 9.76
CA SER B 255 -3.10 -0.72 9.04
C SER B 255 -2.02 -0.43 7.98
N LEU B 256 -0.76 -0.78 8.27
CA LEU B 256 0.33 -0.58 7.31
C LEU B 256 0.29 -1.67 6.24
N PRO B 257 0.37 -1.27 4.95
CA PRO B 257 0.35 -2.28 3.89
C PRO B 257 1.62 -3.13 3.85
N ASN B 258 1.45 -4.42 3.57
CA ASN B 258 2.56 -5.33 3.33
C ASN B 258 3.52 -5.35 4.54
N CYS B 259 2.94 -5.48 5.73
CA CYS B 259 3.69 -5.37 6.99
C CYS B 259 3.59 -6.65 7.82
N LYS B 260 4.75 -7.10 8.32
CA LYS B 260 4.83 -8.26 9.21
C LYS B 260 5.36 -7.79 10.56
N ALA B 261 4.62 -8.08 11.62
CA ALA B 261 5.04 -7.72 12.98
C ALA B 261 5.65 -8.94 13.68
N VAL B 262 6.78 -8.72 14.36
CA VAL B 262 7.48 -9.79 15.08
C VAL B 262 7.67 -9.41 16.54
N ASP B 263 7.11 -10.23 17.43
CA ASP B 263 7.22 -10.05 18.88
C ASP B 263 8.59 -10.56 19.34
N ILE B 264 9.40 -9.69 19.94
CA ILE B 264 10.72 -10.09 20.43
C ILE B 264 10.72 -10.52 21.90
N GLY B 265 9.57 -10.42 22.56
CA GLY B 265 9.47 -10.72 23.99
C GLY B 265 9.60 -9.43 24.81
N PRO B 266 10.17 -9.54 26.02
CA PRO B 266 10.43 -8.36 26.84
C PRO B 266 11.30 -7.34 26.11
N GLY B 267 10.93 -6.07 26.19
CA GLY B 267 11.66 -5.01 25.51
C GLY B 267 11.17 -3.62 25.89
N LEU B 268 12.06 -2.64 25.81
CA LEU B 268 11.73 -1.25 26.10
C LEU B 268 12.02 -0.39 24.85
N ASN B 269 13.21 0.20 24.76
CA ASN B 269 13.59 0.97 23.57
C ASN B 269 14.65 0.27 22.72
N LEU B 270 15.78 -0.06 23.35
CA LEU B 270 16.88 -0.71 22.65
C LEU B 270 16.61 -2.20 22.51
N LEU B 271 15.67 -2.55 21.63
CA LEU B 271 15.26 -3.94 21.42
C LEU B 271 16.41 -4.80 20.91
N GLN B 272 17.36 -4.16 20.21
CA GLN B 272 18.56 -4.82 19.70
C GLN B 272 19.40 -5.43 20.82
N GLU B 273 19.36 -4.82 22.01
CA GLU B 273 20.12 -5.31 23.16
C GLU B 273 19.43 -6.45 23.92
N ASP B 274 18.12 -6.64 23.70
CA ASP B 274 17.36 -7.68 24.41
C ASP B 274 17.14 -8.95 23.60
N ASN B 275 17.05 -8.83 22.28
CA ASN B 275 16.89 -10.02 21.43
C ASN B 275 17.53 -9.80 20.05
N PRO B 276 18.87 -9.65 20.01
CA PRO B 276 19.57 -9.43 18.74
C PRO B 276 19.51 -10.60 17.77
N ASP B 277 19.60 -11.84 18.29
CA ASP B 277 19.61 -13.03 17.44
C ASP B 277 18.30 -13.20 16.67
N LEU B 278 17.17 -12.93 17.32
CA LEU B 278 15.87 -13.02 16.69
C LEU B 278 15.69 -11.91 15.64
N ILE B 279 16.07 -10.70 16.00
CA ILE B 279 15.94 -9.54 15.10
C ILE B 279 16.82 -9.73 13.86
N GLY B 280 18.07 -10.15 14.09
CA GLY B 280 19.00 -10.42 13.00
C GLY B 280 18.59 -11.58 12.11
N SER B 281 18.14 -12.67 12.73
CA SER B 281 17.73 -13.86 11.97
C SER B 281 16.46 -13.61 11.16
N GLU B 282 15.50 -12.90 11.74
CA GLU B 282 14.26 -12.57 11.04
C GLU B 282 14.46 -11.58 9.89
N ILE B 283 15.42 -10.67 10.04
CA ILE B 283 15.77 -9.76 8.95
C ILE B 283 16.43 -10.52 7.80
N ALA B 284 17.37 -11.39 8.13
CA ALA B 284 18.02 -12.24 7.11
C ALA B 284 17.00 -13.07 6.33
N ARG B 285 16.06 -13.70 7.05
CA ARG B 285 15.00 -14.50 6.43
C ARG B 285 14.07 -13.62 5.59
N TRP B 286 13.74 -12.45 6.11
CA TRP B 286 12.87 -11.49 5.43
C TRP B 286 13.48 -10.97 4.13
N LEU B 287 14.76 -10.64 4.15
CA LEU B 287 15.46 -10.17 2.95
C LEU B 287 15.42 -11.18 1.80
N SER B 288 15.53 -12.46 2.13
CA SER B 288 15.53 -13.53 1.11
C SER B 288 14.18 -13.68 0.40
N THR B 289 13.09 -13.34 1.08
CA THR B 289 11.75 -13.41 0.48
C THR B 289 11.43 -12.23 -0.44
N LEU B 290 12.26 -11.18 -0.40
CA LEU B 290 12.05 -10.01 -1.24
C LEU B 290 12.50 -10.29 -2.68
#